data_8T91
#
_entry.id   8T91
#
_cell.length_a   64.517
_cell.length_b   103.569
_cell.length_c   103.427
_cell.angle_alpha   90.00
_cell.angle_beta   90.00
_cell.angle_gamma   90.00
#
_symmetry.space_group_name_H-M   'C 2 2 21'
#
loop_
_entity.id
_entity.type
_entity.pdbx_description
1 polymer Kinase
2 non-polymer "ADENOSINE-5'-DIPHOSPHATE"
3 non-polymer 'MAGNESIUM ION'
4 non-polymer 'INOSITOL HEXAKISPHOSPHATE'
5 water water
#
_entity_poly.entity_id   1
_entity_poly.type   'polypeptide(L)'
_entity_poly.pdbx_seq_one_letter_code
;DITNMSNIDLQSSKSVADEVIADIAEIVNKESIRIFPRIAGRSYIIYGQTSGIICKRMEKSDNEFVIYNYISEHYDKFLK
KYVPKLYGKNNDMLLLEDLTYNYNNPNVMDVKIGARKRKSHTSGFFSIRGYTNSHDYKFDPDEYLTSESTINHIKNFMEA
GGENRDKTKQVLLKWIMKLSELANDLFEINLKFDGVSLIFIYDDDCSKCDVNVVDFSRVKLIDTNDQMTISAVTNLIKIL
SELADNPLN
;
_entity_poly.pdbx_strand_id   A
#
loop_
_chem_comp.id
_chem_comp.type
_chem_comp.name
_chem_comp.formula
ADP non-polymer ADENOSINE-5'-DIPHOSPHATE 'C10 H15 N5 O10 P2'
IHP non-polymer 'INOSITOL HEXAKISPHOSPHATE' 'C6 H18 O24 P6'
MG non-polymer 'MAGNESIUM ION' 'Mg 2'
#
# COMPACT_ATOMS: atom_id res chain seq x y z
N SER A 32 -6.66 16.52 -22.32
CA SER A 32 -5.33 15.91 -22.62
C SER A 32 -4.78 15.24 -21.35
N ILE A 33 -4.26 16.03 -20.40
CA ILE A 33 -3.63 15.56 -19.13
C ILE A 33 -4.67 15.55 -17.99
N ARG A 34 -5.02 14.36 -17.52
CA ARG A 34 -5.96 14.10 -16.38
C ARG A 34 -5.14 13.67 -15.16
N ILE A 35 -5.17 14.48 -14.09
CA ILE A 35 -4.42 14.19 -12.82
C ILE A 35 -5.12 13.01 -12.10
N PHE A 36 -4.32 12.07 -11.60
CA PHE A 36 -4.76 10.87 -10.84
C PHE A 36 -4.92 11.22 -9.36
N PRO A 37 -6.05 10.86 -8.71
CA PRO A 37 -6.30 11.23 -7.32
C PRO A 37 -5.46 10.43 -6.30
N ARG A 38 -4.16 10.73 -6.24
CA ARG A 38 -3.19 10.18 -5.25
C ARG A 38 -3.78 10.34 -3.84
N ILE A 39 -3.58 9.34 -2.98
CA ILE A 39 -3.97 9.42 -1.54
C ILE A 39 -2.79 10.02 -0.77
N ALA A 40 -1.55 9.75 -1.19
CA ALA A 40 -0.31 10.20 -0.49
C ALA A 40 0.83 10.39 -1.48
N GLY A 41 2.07 10.46 -0.97
CA GLY A 41 3.29 10.66 -1.77
C GLY A 41 3.42 12.11 -2.20
N ARG A 42 4.35 12.39 -3.11
CA ARG A 42 4.64 13.75 -3.62
C ARG A 42 4.98 13.70 -5.12
N SER A 43 4.74 12.58 -5.80
CA SER A 43 5.13 12.31 -7.22
C SER A 43 4.04 12.78 -8.18
N TYR A 44 4.44 13.26 -9.35
CA TYR A 44 3.53 13.51 -10.50
C TYR A 44 3.00 12.16 -10.98
N ILE A 45 1.69 11.95 -10.83
CA ILE A 45 0.98 10.74 -11.33
C ILE A 45 -0.30 11.19 -12.03
N ILE A 46 -0.41 10.82 -13.30
CA ILE A 46 -1.56 11.15 -14.17
C ILE A 46 -2.14 9.83 -14.66
N TYR A 47 -3.41 9.81 -15.03
CA TYR A 47 -4.03 8.72 -15.82
C TYR A 47 -3.23 8.56 -17.12
N GLY A 48 -3.05 7.32 -17.56
CA GLY A 48 -2.58 7.01 -18.92
C GLY A 48 -3.59 7.50 -19.94
N GLN A 49 -3.16 7.77 -21.17
CA GLN A 49 -4.07 8.12 -22.30
C GLN A 49 -5.02 6.94 -22.57
N THR A 50 -4.75 5.78 -21.95
CA THR A 50 -5.42 4.47 -22.13
C THR A 50 -6.05 4.01 -20.79
N SER A 51 -7.17 3.29 -20.86
CA SER A 51 -7.84 2.66 -19.68
C SER A 51 -6.84 1.79 -18.90
N GLY A 52 -6.96 1.80 -17.57
CA GLY A 52 -6.34 0.83 -16.65
C GLY A 52 -4.88 1.13 -16.33
N ILE A 53 -4.37 2.28 -16.79
CA ILE A 53 -2.92 2.62 -16.62
C ILE A 53 -2.80 3.97 -15.92
N ILE A 54 -1.77 4.09 -15.09
CA ILE A 54 -1.31 5.38 -14.51
C ILE A 54 0.15 5.54 -14.91
N CYS A 55 0.54 6.79 -15.16
CA CYS A 55 1.93 7.19 -15.45
C CYS A 55 2.48 7.89 -14.21
N LYS A 56 3.58 7.37 -13.65
CA LYS A 56 4.28 7.91 -12.47
C LYS A 56 5.66 8.40 -12.91
N ARG A 57 5.92 9.69 -12.72
CA ARG A 57 7.24 10.31 -13.03
C ARG A 57 8.25 9.86 -11.96
N MET A 58 9.39 9.36 -12.40
CA MET A 58 10.62 9.19 -11.57
C MET A 58 11.33 10.56 -11.50
N GLU A 59 11.35 11.20 -10.33
CA GLU A 59 11.77 12.62 -10.14
C GLU A 59 13.29 12.70 -9.94
N LYS A 60 13.85 11.94 -9.01
CA LYS A 60 15.24 12.15 -8.51
C LYS A 60 16.20 11.24 -9.29
N SER A 61 15.83 9.99 -9.51
CA SER A 61 16.63 9.00 -10.27
C SER A 61 15.69 7.94 -10.86
N ASP A 62 16.26 6.98 -11.58
CA ASP A 62 15.49 5.88 -12.22
C ASP A 62 15.58 4.64 -11.33
N ASN A 63 15.91 4.79 -10.05
CA ASN A 63 16.15 3.64 -9.14
C ASN A 63 14.91 2.74 -9.10
N GLU A 64 13.70 3.30 -9.07
CA GLU A 64 12.43 2.50 -9.09
C GLU A 64 12.40 1.52 -10.28
N PHE A 65 12.80 1.97 -11.47
CA PHE A 65 12.90 1.12 -12.70
C PHE A 65 13.91 -0.02 -12.49
N VAL A 66 15.13 0.33 -12.08
CA VAL A 66 16.21 -0.65 -11.76
C VAL A 66 15.63 -1.73 -10.84
N ILE A 67 14.85 -1.33 -9.83
CA ILE A 67 14.38 -2.24 -8.75
C ILE A 67 13.21 -3.12 -9.25
N TYR A 68 12.24 -2.57 -9.99
CA TYR A 68 11.23 -3.39 -10.70
C TYR A 68 11.97 -4.46 -11.50
N ASN A 69 12.93 -4.06 -12.33
CA ASN A 69 13.66 -4.97 -13.25
C ASN A 69 14.36 -6.03 -12.41
N TYR A 70 15.04 -5.62 -11.34
CA TYR A 70 15.80 -6.54 -10.44
C TYR A 70 14.86 -7.57 -9.82
N ILE A 71 13.70 -7.13 -9.35
CA ILE A 71 12.69 -8.01 -8.70
C ILE A 71 12.17 -8.98 -9.77
N SER A 72 11.99 -8.49 -11.00
CA SER A 72 11.54 -9.33 -12.14
C SER A 72 12.48 -10.51 -12.38
N GLU A 73 13.80 -10.30 -12.30
CA GLU A 73 14.82 -11.33 -12.63
C GLU A 73 15.09 -12.25 -11.42
N HIS A 74 14.80 -11.82 -10.18
CA HIS A 74 15.27 -12.52 -8.96
C HIS A 74 14.13 -13.05 -8.12
N TYR A 75 12.96 -12.41 -8.14
CA TYR A 75 11.78 -12.77 -7.32
C TYR A 75 10.49 -12.52 -8.12
N ASP A 76 10.36 -13.14 -9.29
CA ASP A 76 9.22 -12.85 -10.20
C ASP A 76 7.90 -13.28 -9.53
N LYS A 77 7.90 -14.34 -8.72
CA LYS A 77 6.69 -14.80 -7.99
C LYS A 77 6.18 -13.66 -7.11
N PHE A 78 7.07 -13.06 -6.32
CA PHE A 78 6.81 -11.90 -5.44
C PHE A 78 6.20 -10.76 -6.27
N LEU A 79 6.75 -10.51 -7.45
CA LEU A 79 6.33 -9.41 -8.33
C LEU A 79 4.90 -9.67 -8.82
N LYS A 80 4.58 -10.92 -9.16
CA LYS A 80 3.27 -11.30 -9.74
C LYS A 80 2.18 -11.27 -8.65
N LYS A 81 2.51 -11.66 -7.41
CA LYS A 81 1.53 -11.83 -6.33
C LYS A 81 1.16 -10.47 -5.72
N TYR A 82 2.14 -9.58 -5.53
CA TYR A 82 2.04 -8.44 -4.57
C TYR A 82 2.22 -7.06 -5.23
N VAL A 83 2.71 -6.98 -6.47
CA VAL A 83 3.10 -5.66 -7.05
C VAL A 83 2.28 -5.38 -8.31
N PRO A 84 1.81 -4.13 -8.50
CA PRO A 84 1.10 -3.77 -9.71
C PRO A 84 2.02 -4.05 -10.90
N LYS A 85 1.41 -4.48 -12.00
CA LYS A 85 2.13 -4.82 -13.25
C LYS A 85 2.79 -3.53 -13.75
N LEU A 86 4.08 -3.62 -14.10
CA LEU A 86 4.80 -2.56 -14.85
C LEU A 86 4.74 -2.93 -16.33
N TYR A 87 3.98 -2.16 -17.11
CA TYR A 87 3.73 -2.41 -18.55
C TYR A 87 4.91 -1.90 -19.40
N GLY A 88 5.62 -0.87 -18.94
CA GLY A 88 6.72 -0.27 -19.72
C GLY A 88 7.15 1.06 -19.16
N LYS A 89 8.09 1.70 -19.87
CA LYS A 89 8.67 3.02 -19.51
C LYS A 89 8.57 3.95 -20.72
N ASN A 90 8.28 5.22 -20.49
CA ASN A 90 8.26 6.29 -21.51
C ASN A 90 9.07 7.46 -20.97
N ASN A 91 10.33 7.58 -21.39
CA ASN A 91 11.32 8.56 -20.87
C ASN A 91 11.50 8.32 -19.36
N ASP A 92 10.92 9.18 -18.53
CA ASP A 92 11.02 9.11 -17.06
C ASP A 92 9.68 8.70 -16.43
N MET A 93 8.67 8.36 -17.25
CA MET A 93 7.33 7.91 -16.77
C MET A 93 7.30 6.37 -16.74
N LEU A 94 6.86 5.79 -15.63
CA LEU A 94 6.56 4.34 -15.54
C LEU A 94 5.08 4.17 -15.84
N LEU A 95 4.75 3.25 -16.75
CA LEU A 95 3.35 2.89 -17.08
C LEU A 95 2.98 1.72 -16.16
N LEU A 96 2.14 1.99 -15.17
CA LEU A 96 1.81 1.06 -14.05
C LEU A 96 0.32 0.70 -14.11
N GLU A 97 0.00 -0.52 -13.72
CA GLU A 97 -1.40 -0.99 -13.56
C GLU A 97 -2.08 -0.09 -12.53
N ASP A 98 -3.25 0.45 -12.87
CA ASP A 98 -4.09 1.25 -11.97
C ASP A 98 -4.85 0.27 -11.07
N LEU A 99 -4.46 0.22 -9.79
CA LEU A 99 -4.98 -0.72 -8.76
C LEU A 99 -6.43 -0.38 -8.44
N THR A 100 -6.90 0.81 -8.80
CA THR A 100 -8.28 1.28 -8.52
C THR A 100 -9.19 1.03 -9.72
N TYR A 101 -8.68 0.54 -10.84
CA TYR A 101 -9.41 0.55 -12.13
C TYR A 101 -10.69 -0.31 -12.07
N ASN A 102 -10.61 -1.52 -11.49
CA ASN A 102 -11.71 -2.53 -11.54
C ASN A 102 -12.76 -2.28 -10.44
N TYR A 103 -12.91 -1.05 -9.96
CA TYR A 103 -13.71 -0.73 -8.75
C TYR A 103 -14.68 0.40 -9.06
N ASN A 104 -15.96 0.21 -8.75
CA ASN A 104 -17.00 1.26 -8.91
C ASN A 104 -16.73 2.37 -7.88
N ASN A 105 -16.41 2.02 -6.64
CA ASN A 105 -16.27 3.00 -5.52
C ASN A 105 -15.10 2.61 -4.64
N PRO A 106 -13.86 2.83 -5.11
CA PRO A 106 -12.68 2.38 -4.39
C PRO A 106 -12.45 3.27 -3.17
N ASN A 107 -12.23 2.63 -2.02
CA ASN A 107 -11.62 3.27 -0.82
C ASN A 107 -10.15 2.85 -0.79
N VAL A 108 -9.25 3.82 -0.70
CA VAL A 108 -7.78 3.57 -0.77
C VAL A 108 -7.15 4.04 0.53
N MET A 109 -6.27 3.22 1.10
CA MET A 109 -5.39 3.60 2.24
C MET A 109 -3.94 3.32 1.83
N ASP A 110 -3.08 4.33 2.01
CA ASP A 110 -1.62 4.22 1.84
C ASP A 110 -1.02 4.06 3.23
N VAL A 111 -0.36 2.94 3.48
CA VAL A 111 0.43 2.68 4.72
C VAL A 111 1.89 2.49 4.32
N LYS A 112 2.78 3.35 4.79
CA LYS A 112 4.26 3.20 4.63
C LYS A 112 4.71 2.12 5.61
N ILE A 113 5.17 0.98 5.11
CA ILE A 113 5.66 -0.17 5.91
C ILE A 113 7.19 -0.22 5.87
N GLY A 114 7.82 0.40 4.87
CA GLY A 114 9.28 0.51 4.78
C GLY A 114 9.79 1.64 5.67
N ALA A 115 11.10 1.67 5.94
CA ALA A 115 11.74 2.74 6.75
C ALA A 115 11.44 4.08 6.09
N ARG A 116 11.18 5.10 6.90
CA ARG A 116 11.10 6.52 6.47
C ARG A 116 12.52 7.05 6.40
N LYS A 117 12.77 8.19 5.75
CA LYS A 117 14.15 8.69 5.56
C LYS A 117 14.73 9.10 6.93
N ARG A 118 14.06 9.97 7.67
CA ARG A 118 14.56 10.47 8.99
C ARG A 118 13.60 10.02 10.08
N LYS A 119 12.39 10.57 10.03
CA LYS A 119 11.30 10.36 11.03
C LYS A 119 11.20 8.88 11.40
N SER A 120 10.91 8.58 12.66
CA SER A 120 10.38 7.26 13.09
C SER A 120 8.90 7.23 12.67
N HIS A 121 8.28 6.06 12.72
CA HIS A 121 6.91 5.83 12.19
C HIS A 121 5.87 6.43 13.15
N THR A 122 4.81 7.03 12.58
CA THR A 122 3.71 7.66 13.35
C THR A 122 2.91 6.63 14.16
N SER A 123 2.99 5.32 13.85
CA SER A 123 2.31 4.22 14.61
C SER A 123 3.33 3.16 15.00
N GLY A 124 4.56 3.56 15.30
CA GLY A 124 5.62 2.67 15.80
C GLY A 124 6.26 1.87 14.66
N PHE A 125 5.54 0.91 14.10
CA PHE A 125 6.08 -0.06 13.12
C PHE A 125 5.72 0.33 11.68
N PHE A 126 4.74 1.23 11.51
CA PHE A 126 4.30 1.74 10.20
C PHE A 126 3.67 3.13 10.38
N SER A 127 3.39 3.82 9.27
CA SER A 127 2.78 5.16 9.20
C SER A 127 1.67 5.15 8.15
N ILE A 128 0.41 5.28 8.55
CA ILE A 128 -0.70 5.55 7.59
C ILE A 128 -0.39 6.91 6.97
N ARG A 129 -0.23 6.99 5.65
CA ARG A 129 0.09 8.26 4.97
C ARG A 129 -1.19 8.95 4.52
N GLY A 130 -2.29 8.21 4.36
CA GLY A 130 -3.59 8.79 3.97
C GLY A 130 -4.64 7.76 3.67
N TYR A 131 -5.89 8.21 3.53
CA TYR A 131 -7.00 7.31 3.13
C TYR A 131 -8.17 8.14 2.58
N THR A 132 -8.98 7.49 1.70
CA THR A 132 -10.19 8.08 1.10
C THR A 132 -11.06 8.60 2.24
N ASN A 133 -11.30 9.92 2.26
CA ASN A 133 -12.20 10.64 3.21
C ASN A 133 -11.49 10.94 4.54
N SER A 134 -10.15 10.91 4.58
CA SER A 134 -9.37 11.11 5.83
C SER A 134 -9.68 12.50 6.41
N HIS A 135 -9.92 13.49 5.56
CA HIS A 135 -10.20 14.88 5.98
C HIS A 135 -11.44 14.94 6.89
N ASP A 136 -12.46 14.09 6.64
CA ASP A 136 -13.73 14.03 7.42
C ASP A 136 -13.47 13.68 8.89
N TYR A 137 -12.32 13.05 9.20
CA TYR A 137 -11.94 12.53 10.53
C TYR A 137 -10.73 13.29 11.09
N LYS A 138 -10.41 14.44 10.50
CA LYS A 138 -9.30 15.32 10.94
C LYS A 138 -8.02 14.50 11.04
N PHE A 139 -7.82 13.57 10.08
CA PHE A 139 -6.57 12.81 9.91
C PHE A 139 -5.44 13.76 9.53
N ASP A 140 -4.28 13.61 10.16
CA ASP A 140 -3.07 14.44 9.92
C ASP A 140 -1.88 13.48 9.82
N PRO A 141 -1.26 13.35 8.63
CA PRO A 141 -0.13 12.44 8.45
C PRO A 141 1.15 12.81 9.22
N ASP A 142 1.18 13.96 9.88
CA ASP A 142 2.32 14.39 10.74
C ASP A 142 2.08 13.98 12.20
N GLU A 143 0.84 13.60 12.55
CA GLU A 143 0.43 13.28 13.96
C GLU A 143 0.95 11.89 14.32
N TYR A 144 1.78 11.79 15.36
CA TYR A 144 2.18 10.51 16.01
C TYR A 144 0.96 10.01 16.79
N LEU A 145 0.60 8.74 16.60
CA LEU A 145 -0.67 8.16 17.11
C LEU A 145 -0.38 7.11 18.19
N THR A 146 -1.26 7.04 19.20
CA THR A 146 -1.40 5.89 20.12
C THR A 146 -1.84 4.67 19.30
N SER A 147 -1.77 3.47 19.87
CA SER A 147 -2.38 2.23 19.31
C SER A 147 -3.87 2.47 19.09
N GLU A 148 -4.49 3.26 19.97
CA GLU A 148 -5.94 3.49 19.98
C GLU A 148 -6.34 4.38 18.80
N SER A 149 -5.59 5.45 18.54
CA SER A 149 -5.82 6.40 17.41
C SER A 149 -5.58 5.67 16.08
N THR A 150 -4.50 4.87 16.04
CA THR A 150 -4.13 4.05 14.86
C THR A 150 -5.32 3.15 14.48
N ILE A 151 -5.81 2.37 15.44
CA ILE A 151 -6.97 1.45 15.21
C ILE A 151 -8.16 2.30 14.77
N ASN A 152 -8.38 3.44 15.43
CA ASN A 152 -9.55 4.32 15.17
C ASN A 152 -9.51 4.82 13.72
N HIS A 153 -8.34 5.17 13.21
CA HIS A 153 -8.18 5.70 11.82
C HIS A 153 -8.49 4.59 10.82
N ILE A 154 -8.00 3.36 11.06
CA ILE A 154 -8.32 2.18 10.20
C ILE A 154 -9.83 1.91 10.26
N LYS A 155 -10.48 2.03 11.42
CA LYS A 155 -11.97 1.87 11.52
C LYS A 155 -12.65 2.94 10.65
N ASN A 156 -12.13 4.17 10.72
CA ASN A 156 -12.60 5.34 9.92
C ASN A 156 -12.48 4.98 8.42
N PHE A 157 -11.37 4.37 8.00
CA PHE A 157 -11.12 3.95 6.60
C PHE A 157 -12.13 2.86 6.17
N MET A 158 -12.57 2.02 7.11
CA MET A 158 -13.57 0.95 6.87
C MET A 158 -14.99 1.52 6.89
N GLU A 159 -15.21 2.71 7.43
CA GLU A 159 -16.59 3.25 7.67
C GLU A 159 -17.35 3.24 6.35
N ALA A 160 -16.72 3.64 5.23
CA ALA A 160 -17.36 3.73 3.90
C ALA A 160 -17.90 2.37 3.42
N GLY A 161 -17.48 1.27 4.04
CA GLY A 161 -17.93 -0.09 3.71
C GLY A 161 -19.27 -0.43 4.36
N GLY A 162 -19.74 0.43 5.26
CA GLY A 162 -21.13 0.39 5.77
C GLY A 162 -21.32 -0.61 6.90
N GLU A 163 -22.59 -0.88 7.21
CA GLU A 163 -23.08 -1.47 8.48
C GLU A 163 -23.01 -3.00 8.43
N ASN A 164 -23.06 -3.59 7.22
CA ASN A 164 -23.04 -5.07 7.01
C ASN A 164 -21.77 -5.64 7.64
N ARG A 165 -21.76 -5.73 8.97
CA ARG A 165 -20.57 -6.03 9.81
C ARG A 165 -19.87 -7.28 9.26
N ASP A 166 -20.61 -8.38 9.11
CA ASP A 166 -20.06 -9.71 8.75
C ASP A 166 -19.92 -9.74 7.22
N LYS A 167 -19.00 -8.94 6.68
CA LYS A 167 -18.84 -8.61 5.24
C LYS A 167 -17.73 -7.54 5.08
N THR A 168 -17.72 -6.54 5.95
CA THR A 168 -16.47 -5.76 6.20
C THR A 168 -15.43 -6.74 6.75
N LYS A 169 -15.80 -7.76 7.55
CA LYS A 169 -14.75 -8.66 8.10
C LYS A 169 -14.27 -9.63 7.01
N GLN A 170 -15.09 -9.97 6.02
CA GLN A 170 -14.62 -10.65 4.79
C GLN A 170 -13.52 -9.82 4.10
N VAL A 171 -13.70 -8.51 3.98
CA VAL A 171 -12.64 -7.60 3.44
C VAL A 171 -11.40 -7.72 4.32
N LEU A 172 -11.53 -7.61 5.64
CA LEU A 172 -10.37 -7.67 6.56
C LEU A 172 -9.65 -9.03 6.37
N LEU A 173 -10.42 -10.12 6.32
CA LEU A 173 -9.87 -11.51 6.28
C LEU A 173 -9.09 -11.73 4.98
N LYS A 174 -9.60 -11.19 3.86
CA LYS A 174 -8.94 -11.35 2.55
C LYS A 174 -7.63 -10.57 2.58
N TRP A 175 -7.62 -9.41 3.23
CA TRP A 175 -6.39 -8.60 3.41
C TRP A 175 -5.42 -9.43 4.26
N ILE A 176 -5.90 -9.99 5.37
CA ILE A 176 -5.04 -10.82 6.26
C ILE A 176 -4.44 -11.98 5.47
N MET A 177 -5.23 -12.59 4.61
CA MET A 177 -4.78 -13.77 3.82
C MET A 177 -3.53 -13.39 3.03
N LYS A 178 -3.53 -12.25 2.35
CA LYS A 178 -2.44 -11.84 1.44
C LYS A 178 -1.27 -11.25 2.23
N LEU A 179 -1.56 -10.46 3.27
CA LEU A 179 -0.52 -9.85 4.14
C LEU A 179 0.27 -10.96 4.82
N SER A 180 -0.41 -12.02 5.26
CA SER A 180 0.19 -13.24 5.87
C SER A 180 1.22 -13.87 4.92
N GLU A 181 0.80 -14.15 3.68
CA GLU A 181 1.66 -14.77 2.65
C GLU A 181 2.82 -13.81 2.38
N LEU A 182 2.56 -12.51 2.40
CA LEU A 182 3.58 -11.48 2.07
C LEU A 182 4.65 -11.49 3.17
N ALA A 183 4.25 -11.41 4.44
CA ALA A 183 5.17 -11.46 5.60
C ALA A 183 6.03 -12.72 5.50
N ASN A 184 5.40 -13.87 5.26
CA ASN A 184 6.09 -15.16 5.06
C ASN A 184 7.18 -15.02 3.98
N ASP A 185 6.80 -14.57 2.79
CA ASP A 185 7.64 -14.53 1.57
C ASP A 185 8.79 -13.53 1.78
N LEU A 186 8.56 -12.49 2.57
CA LEU A 186 9.53 -11.39 2.83
C LEU A 186 10.78 -11.97 3.54
N PHE A 187 10.65 -13.06 4.29
CA PHE A 187 11.79 -13.69 5.00
C PHE A 187 12.87 -14.14 4.00
N GLU A 188 12.47 -14.47 2.78
CA GLU A 188 13.37 -15.13 1.78
C GLU A 188 13.71 -14.12 0.69
N ILE A 189 13.59 -12.81 0.95
CA ILE A 189 13.86 -11.73 -0.04
C ILE A 189 14.90 -10.74 0.52
N ASN A 190 16.03 -10.61 -0.18
CA ASN A 190 17.23 -9.88 0.29
C ASN A 190 17.19 -8.46 -0.32
N LEU A 191 16.17 -7.70 0.08
CA LEU A 191 15.98 -6.27 -0.26
C LEU A 191 15.65 -5.52 1.02
N LYS A 192 16.04 -4.25 1.09
CA LYS A 192 15.63 -3.31 2.16
C LYS A 192 14.55 -2.42 1.55
N PHE A 193 13.30 -2.57 1.97
CA PHE A 193 12.13 -1.95 1.30
C PHE A 193 11.95 -0.52 1.82
N ASP A 194 13.03 0.26 1.86
CA ASP A 194 12.95 1.66 2.37
C ASP A 194 11.82 2.34 1.60
N GLY A 195 10.85 2.86 2.34
CA GLY A 195 9.86 3.82 1.82
C GLY A 195 8.74 3.17 1.03
N VAL A 196 8.67 1.83 0.92
CA VAL A 196 7.56 1.18 0.18
C VAL A 196 6.28 1.32 1.00
N SER A 197 5.14 1.31 0.31
CA SER A 197 3.81 1.41 0.95
C SER A 197 2.99 0.18 0.57
N LEU A 198 2.02 -0.12 1.44
CA LEU A 198 0.86 -0.98 1.18
C LEU A 198 -0.28 -0.08 0.74
N ILE A 199 -0.91 -0.42 -0.38
CA ILE A 199 -2.13 0.26 -0.89
C ILE A 199 -3.29 -0.69 -0.65
N PHE A 200 -4.05 -0.46 0.43
CA PHE A 200 -5.29 -1.21 0.74
C PHE A 200 -6.42 -0.60 -0.09
N ILE A 201 -7.20 -1.44 -0.76
CA ILE A 201 -8.40 -1.01 -1.55
C ILE A 201 -9.57 -1.94 -1.23
N TYR A 202 -10.76 -1.38 -1.09
CA TYR A 202 -12.03 -2.14 -1.02
C TYR A 202 -13.09 -1.30 -1.72
N ASP A 203 -14.07 -1.94 -2.35
CA ASP A 203 -15.21 -1.25 -3.00
C ASP A 203 -16.23 -0.93 -1.90
N ASP A 204 -16.96 0.18 -2.04
CA ASP A 204 -18.04 0.60 -1.10
C ASP A 204 -18.96 -0.59 -0.80
N ASP A 205 -19.30 -1.42 -1.81
CA ASP A 205 -20.26 -2.55 -1.64
C ASP A 205 -19.56 -3.76 -1.00
N CYS A 206 -18.26 -3.67 -0.70
CA CYS A 206 -17.46 -4.72 0.00
C CYS A 206 -17.44 -6.02 -0.82
N SER A 207 -17.67 -5.98 -2.13
CA SER A 207 -17.72 -7.18 -3.01
C SER A 207 -16.31 -7.57 -3.45
N LYS A 208 -15.34 -6.67 -3.26
CA LYS A 208 -14.00 -6.80 -3.87
C LYS A 208 -13.01 -5.98 -3.03
N CYS A 209 -11.79 -6.50 -2.83
CA CYS A 209 -10.72 -5.78 -2.12
C CYS A 209 -9.37 -6.39 -2.51
N ASP A 210 -8.30 -5.67 -2.19
CA ASP A 210 -6.94 -6.17 -2.43
C ASP A 210 -5.96 -5.28 -1.67
N VAL A 211 -4.72 -5.73 -1.59
CA VAL A 211 -3.59 -4.91 -1.08
C VAL A 211 -2.35 -5.27 -1.87
N ASN A 212 -1.55 -4.28 -2.22
CA ASN A 212 -0.33 -4.47 -3.03
C ASN A 212 0.78 -3.56 -2.51
N VAL A 213 2.02 -3.96 -2.78
CA VAL A 213 3.24 -3.19 -2.42
C VAL A 213 3.54 -2.23 -3.58
N VAL A 214 3.78 -0.95 -3.26
CA VAL A 214 4.14 0.10 -4.24
C VAL A 214 5.32 0.96 -3.75
N ASP A 215 5.97 1.66 -4.69
CA ASP A 215 7.00 2.72 -4.48
C ASP A 215 8.33 2.07 -4.13
N PHE A 216 9.11 1.71 -5.15
CA PHE A 216 10.40 1.00 -5.02
C PHE A 216 11.55 2.01 -5.17
N SER A 217 11.26 3.31 -5.19
CA SER A 217 12.21 4.40 -5.55
C SER A 217 13.45 4.36 -4.66
N ARG A 218 13.30 4.03 -3.37
CA ARG A 218 14.40 4.01 -2.36
C ARG A 218 14.74 2.56 -1.93
N VAL A 219 14.30 1.53 -2.65
CA VAL A 219 14.61 0.12 -2.27
C VAL A 219 16.08 -0.17 -2.62
N LYS A 220 16.77 -0.90 -1.74
CA LYS A 220 18.23 -1.21 -1.84
C LYS A 220 18.45 -2.72 -1.77
N LEU A 221 19.48 -3.20 -2.47
CA LEU A 221 20.01 -4.58 -2.31
C LEU A 221 20.63 -4.68 -0.93
N ILE A 222 20.45 -5.83 -0.26
CA ILE A 222 21.18 -6.23 0.97
C ILE A 222 21.37 -7.77 0.95
N ASP A 223 22.09 -8.33 1.92
CA ASP A 223 22.42 -9.78 1.97
C ASP A 223 21.81 -10.39 3.24
N THR A 224 20.71 -9.78 3.71
CA THR A 224 19.74 -10.36 4.67
C THR A 224 18.33 -9.94 4.24
N ASN A 225 17.31 -10.34 5.02
CA ASN A 225 15.91 -9.90 4.82
C ASN A 225 15.68 -8.63 5.65
N ASP A 226 14.51 -8.01 5.51
CA ASP A 226 14.18 -6.68 6.09
C ASP A 226 13.26 -6.88 7.29
N GLN A 227 13.81 -6.98 8.49
CA GLN A 227 13.03 -7.28 9.73
C GLN A 227 12.14 -6.08 10.08
N MET A 228 12.56 -4.85 9.76
CA MET A 228 11.75 -3.63 10.03
C MET A 228 10.43 -3.75 9.27
N THR A 229 10.51 -4.00 7.95
CA THR A 229 9.37 -4.11 7.01
C THR A 229 8.50 -5.33 7.39
N ILE A 230 9.12 -6.48 7.65
CA ILE A 230 8.39 -7.69 8.15
C ILE A 230 7.61 -7.32 9.42
N SER A 231 8.24 -6.61 10.37
CA SER A 231 7.61 -6.23 11.64
C SER A 231 6.39 -5.33 11.40
N ALA A 232 6.46 -4.47 10.38
CA ALA A 232 5.34 -3.59 9.98
C ALA A 232 4.17 -4.47 9.49
N VAL A 233 4.45 -5.45 8.64
CA VAL A 233 3.38 -6.32 8.08
C VAL A 233 2.75 -7.11 9.23
N THR A 234 3.54 -7.78 10.08
CA THR A 234 3.00 -8.65 11.17
C THR A 234 2.15 -7.79 12.09
N ASN A 235 2.54 -6.53 12.33
CA ASN A 235 1.84 -5.60 13.25
C ASN A 235 0.48 -5.25 12.65
N LEU A 236 0.44 -4.99 11.33
CA LEU A 236 -0.83 -4.73 10.61
C LEU A 236 -1.69 -5.99 10.64
N ILE A 237 -1.08 -7.17 10.48
CA ILE A 237 -1.83 -8.45 10.51
C ILE A 237 -2.49 -8.56 11.88
N LYS A 238 -1.79 -8.09 12.91
CA LYS A 238 -2.26 -8.14 14.31
C LYS A 238 -3.46 -7.21 14.48
N ILE A 239 -3.34 -5.98 14.03
CA ILE A 239 -4.40 -4.94 14.20
C ILE A 239 -5.66 -5.41 13.45
N LEU A 240 -5.50 -5.84 12.20
CA LEU A 240 -6.62 -6.24 11.33
C LEU A 240 -7.31 -7.49 11.91
N SER A 241 -6.54 -8.42 12.49
CA SER A 241 -7.05 -9.64 13.15
C SER A 241 -7.95 -9.27 14.34
N GLU A 242 -7.48 -8.36 15.20
CA GLU A 242 -8.25 -7.76 16.32
C GLU A 242 -9.55 -7.18 15.73
N LEU A 243 -9.48 -6.48 14.62
CA LEU A 243 -10.70 -5.89 14.01
C LEU A 243 -11.62 -7.01 13.52
N ALA A 244 -11.11 -7.99 12.77
CA ALA A 244 -11.93 -9.10 12.25
C ALA A 244 -12.61 -9.84 13.41
N ASP A 245 -12.05 -9.81 14.62
CA ASP A 245 -12.47 -10.71 15.73
C ASP A 245 -13.33 -9.99 16.77
N ASN A 246 -13.17 -8.67 16.99
CA ASN A 246 -13.88 -7.98 18.10
C ASN A 246 -15.37 -7.96 17.77
N PRO A 247 -16.25 -8.10 18.79
CA PRO A 247 -17.64 -8.52 18.60
C PRO A 247 -18.75 -7.45 18.63
N LEU A 248 -18.40 -6.16 18.54
CA LEU A 248 -19.36 -5.01 18.54
C LEU A 248 -20.30 -5.13 17.33
PB ADP B . 5.51 8.43 -4.21
O1B ADP B . 5.25 8.23 -2.73
O2B ADP B . 5.20 9.82 -4.65
O3B ADP B . 6.92 7.98 -4.62
PA ADP B . 3.71 6.11 -4.59
O1A ADP B . 3.84 5.79 -3.13
O2A ADP B . 4.18 5.09 -5.58
O3A ADP B . 4.43 7.49 -4.95
O5' ADP B . 2.18 6.48 -4.91
C5' ADP B . 1.56 7.54 -4.16
C4' ADP B . 0.07 7.37 -4.23
O4' ADP B . -0.30 7.01 -5.59
C3' ADP B . -0.52 6.26 -3.35
O3' ADP B . -0.88 6.81 -2.10
C2' ADP B . -1.74 5.79 -4.15
O2' ADP B . -2.91 6.51 -3.85
C1' ADP B . -1.33 6.06 -5.61
N9 ADP B . -0.84 4.91 -6.36
C8 ADP B . 0.47 4.52 -6.54
N7 ADP B . 0.61 3.48 -7.32
C5 ADP B . -0.68 3.16 -7.71
C6 ADP B . -1.20 2.16 -8.55
N6 ADP B . -0.45 1.27 -9.20
N1 ADP B . -2.54 2.15 -8.75
C2 ADP B . -3.29 3.06 -8.11
N3 ADP B . -2.92 4.04 -7.28
C4 ADP B . -1.58 4.04 -7.13
MG MG C . 5.18 6.62 -1.58
C1 IHP D . 8.66 11.47 1.63
C2 IHP D . 9.50 11.87 0.45
C3 IHP D . 10.02 13.33 0.75
C4 IHP D . 10.91 13.38 2.07
C5 IHP D . 10.19 12.74 3.25
C6 IHP D . 9.58 11.38 2.86
O11 IHP D . 7.92 10.23 1.32
P1 IHP D . 6.37 10.32 0.83
O21 IHP D . 5.64 10.62 2.20
O31 IHP D . 6.31 11.52 -0.21
O41 IHP D . 6.10 8.99 0.27
O12 IHP D . 10.57 10.92 0.22
P2 IHP D . 11.04 10.57 -1.28
O22 IHP D . 10.35 9.14 -1.38
O32 IHP D . 12.63 10.54 -1.30
O42 IHP D . 10.40 11.61 -2.12
O13 IHP D . 10.71 13.91 -0.39
P3 IHP D . 9.97 15.09 -1.16
O23 IHP D . 11.02 15.81 -2.08
O33 IHP D . 9.55 16.02 0.06
O43 IHP D . 8.74 14.50 -1.77
O14 IHP D . 11.29 14.75 2.42
P4 IHP D . 12.88 15.22 2.48
O24 IHP D . 13.46 14.90 1.02
O34 IHP D . 13.64 14.28 3.49
O44 IHP D . 12.94 16.71 2.66
O15 IHP D . 11.15 12.52 4.30
P5 IHP D . 11.15 13.15 5.79
O25 IHP D . 11.46 11.83 6.62
O35 IHP D . 9.70 13.76 6.02
O45 IHP D . 12.30 14.11 5.83
O16 IHP D . 8.81 11.01 3.95
P6 IHP D . 9.12 9.66 4.76
O26 IHP D . 9.70 10.25 6.07
O36 IHP D . 10.25 8.83 4.03
O46 IHP D . 7.77 9.03 5.05
#